data_5TD4
#
_entry.id   5TD4
#
_cell.length_a   52.210
_cell.length_b   73.640
_cell.length_c   135.380
_cell.angle_alpha   90.00
_cell.angle_beta   90.00
_cell.angle_gamma   90.00
#
_symmetry.space_group_name_H-M   'P 21 21 21'
#
loop_
_entity.id
_entity.type
_entity.pdbx_description
1 polymer 'Pancreatic alpha-amylase'
2 branched alpha-D-glucopyranose-(1-4)-alpha-D-glucopyranose-(1-4)-alpha-D-glucopyranose-(1-4)-alpha-D-glucopyranose
3 branched alpha-D-glucopyranose-(1-4)-alpha-D-glucopyranose-(1-4)-alpha-D-glucopyranose-(1-4)-alpha-D-glucopyranose-(1-4)-alpha-D-glucopyranose-(1-4)-alpha-D-glucopyranose
4 branched alpha-D-glucopyranose-(1-4)-alpha-D-glucopyranose
5 non-polymer 'CHLORIDE ION'
6 non-polymer 'CALCIUM ION'
7 water water
#
_entity_poly.entity_id   1
_entity_poly.type   'polypeptide(L)'
_entity_poly.pdbx_seq_one_letter_code
;(PCA)YSPNTQQGRTSIVHLFEWRWVDIALECERYLAPKGFGGVQVSPPNENVAIYNPFRPWWERYQPVSYKLCTRSGNE
DEFRNMVTRCNNVGVRIYVDAVINHMCGNAVSAGTSSTCGSYFNPGSRDFPAVPYSGWDFNDGKCKTGSGDIENYNDATQ
VRDCRLTGLLDLALEKDYVRSKIAEYMNHLIDIGVAGFRLDASKHMWPGDIKAILDKLHNLNSNWFPAGSKPFIYQEVID
LGGEPIKSSDYFGNGRVTEFKYGAKLGTVIRKWNGEKMSYLKNWGEGWGFVPSDRALVFVDNHNNQRGHGAGGASILTFW
DARLYKMAVGFMLAHPYGFTRVMSSYRWPRQFQNGNDVNDWVGPPNNNGVIKEVTINPDTTCGNDWVCEHRWRQIRNMVI
FRNVVDGQPFTNWYDNGSNQVAFGRGNRGFIVFNNDDWSFSLTLQTGLPAGTYCDVISGDKINGNCTGIKIYVSDDGKAH
FSISNSAEDPFIAIHAESKL
;
_entity_poly.pdbx_strand_id   A
#
# COMPACT_ATOMS: atom_id res chain seq x y z
N TYR A 2 8.73 -13.96 0.99
CA TYR A 2 9.37 -12.64 1.04
C TYR A 2 9.45 -12.00 -0.34
N SER A 3 9.39 -12.84 -1.37
CA SER A 3 9.50 -12.32 -2.74
C SER A 3 8.12 -11.96 -3.30
N PRO A 4 7.97 -10.75 -3.86
CA PRO A 4 6.64 -10.34 -4.35
C PRO A 4 6.10 -11.15 -5.52
N ASN A 5 6.94 -11.90 -6.24
CA ASN A 5 6.52 -12.67 -7.43
C ASN A 5 6.07 -11.75 -8.56
N THR A 6 6.56 -10.52 -8.61
CA THR A 6 6.29 -9.70 -9.79
C THR A 6 7.14 -10.21 -10.97
N GLN A 7 6.73 -9.82 -12.18
CA GLN A 7 7.60 -9.93 -13.34
C GLN A 7 8.94 -9.25 -13.06
N GLN A 8 10.03 -9.87 -13.52
CA GLN A 8 11.36 -9.32 -13.28
C GLN A 8 11.44 -7.92 -13.86
N GLY A 9 12.10 -7.03 -13.13
CA GLY A 9 12.13 -5.64 -13.52
C GLY A 9 10.94 -4.80 -13.09
N ARG A 10 9.96 -5.37 -12.39
CA ARG A 10 8.82 -4.61 -11.90
C ARG A 10 8.88 -4.60 -10.37
N THR A 11 8.91 -3.41 -9.79
CA THR A 11 9.39 -3.22 -8.43
C THR A 11 8.42 -2.54 -7.48
N SER A 12 7.21 -2.19 -7.91
CA SER A 12 6.22 -1.60 -7.01
C SER A 12 4.86 -2.26 -7.19
N ILE A 13 4.01 -2.08 -6.18
CA ILE A 13 2.58 -2.35 -6.33
C ILE A 13 1.80 -1.10 -5.96
N VAL A 14 0.56 -1.05 -6.45
CA VAL A 14 -0.32 0.10 -6.21
C VAL A 14 -1.58 -0.40 -5.51
N HIS A 15 -2.00 0.29 -4.47
CA HIS A 15 -3.25 -0.03 -3.77
C HIS A 15 -4.36 0.67 -4.51
N LEU A 16 -5.10 -0.06 -5.33
CA LEU A 16 -6.26 0.53 -6.02
C LEU A 16 -7.46 0.43 -5.08
N PHE A 17 -7.46 1.35 -4.12
CA PHE A 17 -8.37 1.35 -2.98
C PHE A 17 -9.83 1.48 -3.44
N GLU A 18 -10.64 0.45 -3.18
CA GLU A 18 -12.07 0.39 -3.44
C GLU A 18 -12.42 0.37 -4.92
N TRP A 19 -11.45 0.19 -5.82
CA TRP A 19 -11.77 0.05 -7.22
C TRP A 19 -12.56 -1.22 -7.48
N ARG A 20 -13.38 -1.20 -8.54
CA ARG A 20 -14.11 -2.37 -9.00
C ARG A 20 -13.23 -3.28 -9.86
N TRP A 21 -13.58 -4.57 -9.86
CA TRP A 21 -12.75 -5.54 -10.58
C TRP A 21 -12.67 -5.20 -12.06
N VAL A 22 -13.78 -4.77 -12.68
CA VAL A 22 -13.74 -4.46 -14.11
C VAL A 22 -12.81 -3.28 -14.36
N ASP A 23 -12.78 -2.30 -13.45
CA ASP A 23 -11.91 -1.13 -13.64
C ASP A 23 -10.44 -1.52 -13.47
N ILE A 24 -10.14 -2.35 -12.48
CA ILE A 24 -8.78 -2.84 -12.29
C ILE A 24 -8.33 -3.68 -13.48
N ALA A 25 -9.20 -4.56 -13.99
CA ALA A 25 -8.83 -5.38 -15.13
C ALA A 25 -8.44 -4.52 -16.32
N LEU A 26 -9.23 -3.47 -16.60
CA LEU A 26 -8.91 -2.56 -17.69
C LEU A 26 -7.62 -1.79 -17.41
N GLU A 27 -7.46 -1.33 -16.16
CA GLU A 27 -6.27 -0.56 -15.77
C GLU A 27 -5.00 -1.37 -15.96
N CYS A 28 -5.03 -2.68 -15.70
CA CYS A 28 -3.89 -3.54 -15.98
C CYS A 28 -3.47 -3.47 -17.45
N GLU A 29 -4.45 -3.57 -18.36
CA GLU A 29 -4.13 -3.66 -19.78
C GLU A 29 -3.78 -2.30 -20.37
N ARG A 30 -4.46 -1.23 -19.95
CA ARG A 30 -4.24 0.04 -20.62
C ARG A 30 -3.16 0.88 -19.96
N TYR A 31 -2.76 0.56 -18.72
CA TYR A 31 -1.89 1.47 -17.97
C TYR A 31 -0.82 0.76 -17.17
N LEU A 32 -1.22 -0.14 -16.26
CA LEU A 32 -0.26 -0.72 -15.33
C LEU A 32 0.81 -1.52 -16.05
N ALA A 33 0.41 -2.33 -17.03
CA ALA A 33 1.39 -3.14 -17.76
C ALA A 33 2.30 -2.27 -18.61
N PRO A 34 1.80 -1.35 -19.45
CA PRO A 34 2.73 -0.55 -20.24
C PRO A 34 3.60 0.37 -19.42
N LYS A 35 3.16 0.80 -18.23
CA LYS A 35 3.96 1.69 -17.39
C LYS A 35 4.77 0.94 -16.33
N GLY A 36 4.92 -0.39 -16.47
CA GLY A 36 5.87 -1.10 -15.65
C GLY A 36 5.50 -1.31 -14.19
N PHE A 37 4.23 -1.18 -13.83
CA PHE A 37 3.81 -1.51 -12.46
C PHE A 37 3.92 -3.01 -12.21
N GLY A 38 4.21 -3.36 -10.97
CA GLY A 38 4.38 -4.74 -10.57
C GLY A 38 3.09 -5.44 -10.19
N GLY A 39 2.12 -4.72 -9.66
CA GLY A 39 0.95 -5.38 -9.13
C GLY A 39 0.02 -4.43 -8.39
N VAL A 40 -1.12 -4.99 -8.00
CA VAL A 40 -2.24 -4.26 -7.42
C VAL A 40 -2.64 -4.94 -6.11
N GLN A 41 -2.64 -4.18 -5.02
CA GLN A 41 -3.36 -4.59 -3.82
C GLN A 41 -4.83 -4.24 -3.99
N VAL A 42 -5.72 -5.24 -3.97
CA VAL A 42 -7.15 -4.97 -4.11
C VAL A 42 -7.76 -4.88 -2.72
N SER A 43 -8.91 -4.22 -2.65
CA SER A 43 -9.67 -4.19 -1.42
C SER A 43 -10.17 -5.60 -1.12
N PRO A 44 -10.53 -5.87 0.13
CA PRO A 44 -10.96 -7.25 0.50
C PRO A 44 -12.02 -7.77 -0.45
N PRO A 45 -11.80 -8.93 -1.08
CA PRO A 45 -12.72 -9.43 -2.12
C PRO A 45 -13.84 -10.32 -1.62
N ASN A 46 -13.93 -10.56 -0.31
CA ASN A 46 -14.92 -11.42 0.32
C ASN A 46 -16.10 -10.63 0.88
N GLU A 47 -17.26 -11.29 0.94
CA GLU A 47 -18.49 -10.65 1.38
C GLU A 47 -18.31 -9.97 2.75
N ASN A 48 -18.86 -8.76 2.87
CA ASN A 48 -18.80 -7.98 4.10
C ASN A 48 -20.19 -7.50 4.50
N VAL A 49 -20.27 -6.88 5.67
CA VAL A 49 -21.53 -6.28 6.11
C VAL A 49 -21.81 -5.03 5.29
N ALA A 50 -23.03 -4.94 4.77
CA ALA A 50 -23.52 -3.69 4.20
C ALA A 50 -23.98 -2.81 5.36
N ILE A 51 -23.15 -1.81 5.71
CA ILE A 51 -23.41 -0.91 6.83
C ILE A 51 -24.02 0.38 6.32
N TYR A 52 -25.22 0.73 6.80
CA TYR A 52 -25.91 1.95 6.36
C TYR A 52 -25.89 3.07 7.39
N ASN A 53 -25.39 2.82 8.60
CA ASN A 53 -25.11 3.90 9.53
C ASN A 53 -23.64 3.87 9.96
N PRO A 54 -22.79 4.71 9.33
CA PRO A 54 -23.12 5.67 8.28
C PRO A 54 -23.26 5.01 6.91
N PHE A 55 -23.37 5.79 5.84
CA PHE A 55 -23.81 5.22 4.58
C PHE A 55 -22.64 4.57 3.84
N ARG A 56 -22.52 3.24 3.94
CA ARG A 56 -21.58 2.46 3.18
C ARG A 56 -20.14 2.93 3.34
N PRO A 57 -19.62 2.97 4.57
CA PRO A 57 -18.26 3.48 4.79
C PRO A 57 -17.22 2.54 4.17
N TRP A 58 -16.06 3.11 3.82
CA TRP A 58 -14.96 2.28 3.35
C TRP A 58 -14.70 1.12 4.32
N TRP A 59 -14.87 1.33 5.63
CA TRP A 59 -14.45 0.31 6.58
C TRP A 59 -15.47 -0.81 6.80
N GLU A 60 -16.63 -0.78 6.14
CA GLU A 60 -17.50 -1.97 6.18
C GLU A 60 -16.81 -3.18 5.54
N ARG A 61 -15.87 -2.95 4.60
CA ARG A 61 -15.12 -4.05 3.98
C ARG A 61 -14.15 -4.74 4.94
N TYR A 62 -13.95 -4.23 6.15
CA TYR A 62 -13.15 -4.92 7.16
C TYR A 62 -14.03 -5.62 8.19
N GLN A 63 -15.31 -5.88 7.84
CA GLN A 63 -16.24 -6.65 8.66
C GLN A 63 -16.78 -7.80 7.82
N PRO A 64 -16.09 -8.94 7.81
CA PRO A 64 -16.48 -10.05 6.93
C PRO A 64 -17.77 -10.73 7.39
N VAL A 65 -18.57 -11.11 6.40
CA VAL A 65 -19.75 -11.94 6.61
C VAL A 65 -19.52 -13.38 6.14
N SER A 66 -18.76 -13.56 5.05
CA SER A 66 -18.39 -14.90 4.57
C SER A 66 -17.15 -14.78 3.70
N TYR A 67 -16.80 -15.87 3.03
CA TYR A 67 -15.67 -15.87 2.11
C TYR A 67 -16.11 -16.03 0.66
N LYS A 68 -17.41 -15.84 0.38
CA LYS A 68 -17.88 -15.72 -1.00
C LYS A 68 -17.28 -14.48 -1.65
N LEU A 69 -16.88 -14.61 -2.91
CA LEU A 69 -16.18 -13.54 -3.62
C LEU A 69 -17.21 -12.62 -4.24
N CYS A 70 -17.83 -11.78 -3.39
CA CYS A 70 -19.07 -11.11 -3.75
C CYS A 70 -19.20 -9.81 -2.94
N THR A 71 -18.76 -8.68 -3.54
CA THR A 71 -18.59 -7.38 -2.86
C THR A 71 -19.06 -6.26 -3.77
N ARG A 72 -18.99 -5.02 -3.26
CA ARG A 72 -19.28 -3.88 -4.12
C ARG A 72 -18.29 -3.74 -5.27
N SER A 73 -17.10 -4.33 -5.15
CA SER A 73 -16.16 -4.33 -6.27
C SER A 73 -16.58 -5.30 -7.37
N GLY A 74 -17.47 -6.22 -7.08
CA GLY A 74 -17.80 -7.21 -8.10
C GLY A 74 -18.06 -8.61 -7.56
N ASN A 75 -18.56 -9.50 -8.43
CA ASN A 75 -18.83 -10.88 -8.06
C ASN A 75 -17.60 -11.74 -8.37
N GLU A 76 -17.73 -13.06 -8.20
CA GLU A 76 -16.59 -13.96 -8.37
C GLU A 76 -16.11 -14.03 -9.81
N ASP A 77 -17.05 -14.04 -10.78
CA ASP A 77 -16.65 -14.08 -12.20
C ASP A 77 -15.82 -12.86 -12.58
N GLU A 78 -16.18 -11.69 -12.06
CA GLU A 78 -15.43 -10.48 -12.39
C GLU A 78 -14.07 -10.49 -11.69
N PHE A 79 -14.03 -11.00 -10.45
CA PHE A 79 -12.74 -11.13 -9.77
C PHE A 79 -11.81 -12.06 -10.53
N ARG A 80 -12.34 -13.21 -10.99
CA ARG A 80 -11.55 -14.14 -11.79
C ARG A 80 -11.12 -13.50 -13.11
N ASN A 81 -12.06 -12.82 -13.78
CA ASN A 81 -11.75 -12.14 -15.04
C ASN A 81 -10.60 -11.14 -14.83
N MET A 82 -10.62 -10.44 -13.70
CA MET A 82 -9.58 -9.45 -13.39
C MET A 82 -8.22 -10.10 -13.20
N VAL A 83 -8.16 -11.10 -12.32
CA VAL A 83 -6.86 -11.71 -12.02
C VAL A 83 -6.27 -12.33 -13.27
N THR A 84 -7.11 -12.92 -14.13
CA THR A 84 -6.61 -13.56 -15.34
C THR A 84 -6.05 -12.52 -16.30
N ARG A 85 -6.79 -11.44 -16.54
CA ARG A 85 -6.35 -10.43 -17.50
C ARG A 85 -5.12 -9.70 -17.00
N CYS A 86 -5.07 -9.43 -15.69
CA CYS A 86 -3.90 -8.77 -15.12
C CYS A 86 -2.66 -9.66 -15.20
N ASN A 87 -2.77 -10.93 -14.76
CA ASN A 87 -1.66 -11.86 -14.92
C ASN A 87 -1.28 -12.01 -16.40
N ASN A 88 -2.26 -11.97 -17.29
CA ASN A 88 -1.93 -12.18 -18.71
C ASN A 88 -1.05 -11.07 -19.28
N VAL A 89 -1.11 -9.86 -18.71
CA VAL A 89 -0.20 -8.79 -19.11
C VAL A 89 0.92 -8.57 -18.09
N GLY A 90 1.13 -9.52 -17.18
CA GLY A 90 2.28 -9.41 -16.29
C GLY A 90 2.11 -8.48 -15.11
N VAL A 91 0.88 -8.28 -14.63
CA VAL A 91 0.60 -7.44 -13.48
C VAL A 91 -0.10 -8.30 -12.43
N ARG A 92 0.48 -8.37 -11.24
CA ARG A 92 0.02 -9.28 -10.20
C ARG A 92 -1.12 -8.67 -9.38
N ILE A 93 -1.87 -9.56 -8.71
CA ILE A 93 -2.91 -9.16 -7.79
C ILE A 93 -2.57 -9.68 -6.39
N TYR A 94 -2.66 -8.79 -5.38
CA TYR A 94 -2.46 -9.17 -3.98
C TYR A 94 -3.73 -8.87 -3.21
N VAL A 95 -4.23 -9.85 -2.46
CA VAL A 95 -5.54 -9.74 -1.81
C VAL A 95 -5.38 -9.24 -0.38
N ASP A 96 -6.19 -8.28 -0.01
CA ASP A 96 -6.31 -7.81 1.37
C ASP A 96 -7.12 -8.86 2.12
N ALA A 97 -6.45 -9.76 2.82
CA ALA A 97 -7.10 -10.89 3.50
C ALA A 97 -7.50 -10.49 4.92
N VAL A 98 -8.79 -10.30 5.16
CA VAL A 98 -9.29 -9.95 6.50
C VAL A 98 -9.64 -11.25 7.21
N ILE A 99 -8.71 -11.76 8.03
CA ILE A 99 -8.83 -13.12 8.55
C ILE A 99 -8.76 -13.20 10.06
N ASN A 100 -8.49 -12.08 10.73
CA ASN A 100 -8.46 -12.06 12.19
C ASN A 100 -9.86 -12.12 12.81
N HIS A 101 -10.89 -11.70 12.08
CA HIS A 101 -12.16 -11.40 12.71
C HIS A 101 -13.29 -11.47 11.69
N MET A 102 -14.52 -11.52 12.21
CA MET A 102 -15.72 -11.30 11.42
C MET A 102 -16.18 -9.89 11.72
N CYS A 103 -17.49 -9.64 11.76
CA CYS A 103 -17.96 -8.27 11.82
C CYS A 103 -18.06 -7.78 13.26
N GLY A 104 -18.56 -6.56 13.44
CA GLY A 104 -18.71 -6.01 14.78
C GLY A 104 -19.74 -6.77 15.61
N ASN A 105 -19.41 -7.03 16.87
CA ASN A 105 -20.27 -7.85 17.71
C ASN A 105 -21.63 -7.20 17.94
N ALA A 106 -21.77 -5.91 17.66
CA ALA A 106 -23.01 -5.16 17.84
C ALA A 106 -23.81 -4.98 16.55
N VAL A 107 -23.36 -5.51 15.42
CA VAL A 107 -24.14 -5.37 14.18
C VAL A 107 -25.43 -6.18 14.28
N SER A 108 -26.50 -5.66 13.71
CA SER A 108 -27.79 -6.37 13.74
C SER A 108 -27.74 -7.63 12.90
N ALA A 109 -28.35 -8.70 13.39
CA ALA A 109 -28.55 -9.90 12.58
C ALA A 109 -29.41 -9.58 11.35
N GLY A 110 -29.28 -10.43 10.33
CA GLY A 110 -30.07 -10.28 9.12
C GLY A 110 -29.34 -10.60 7.83
N THR A 111 -29.78 -10.01 6.71
CA THR A 111 -29.11 -10.22 5.42
C THR A 111 -28.54 -8.92 4.86
N SER A 112 -28.13 -7.98 5.73
CA SER A 112 -27.55 -6.72 5.26
C SER A 112 -26.06 -6.97 5.00
N SER A 113 -25.80 -7.69 3.91
CA SER A 113 -24.48 -8.18 3.54
C SER A 113 -24.32 -8.03 2.04
N THR A 114 -23.08 -8.01 1.56
CA THR A 114 -22.92 -7.68 0.14
C THR A 114 -23.30 -8.82 -0.78
N CYS A 115 -23.46 -10.05 -0.29
CA CYS A 115 -24.05 -11.09 -1.13
C CYS A 115 -25.40 -11.54 -0.58
N GLY A 116 -25.94 -10.84 0.41
CA GLY A 116 -27.22 -11.24 0.94
C GLY A 116 -27.18 -12.44 1.84
N SER A 117 -25.99 -12.93 2.21
CA SER A 117 -25.88 -14.03 3.14
C SER A 117 -26.43 -13.62 4.50
N TYR A 118 -27.12 -14.55 5.15
CA TYR A 118 -27.56 -14.31 6.51
C TYR A 118 -26.39 -14.41 7.48
N PHE A 119 -26.42 -13.59 8.52
CA PHE A 119 -25.41 -13.67 9.58
C PHE A 119 -26.03 -13.10 10.85
N ASN A 120 -25.61 -13.63 12.00
CA ASN A 120 -26.15 -13.20 13.29
C ASN A 120 -24.99 -12.95 14.25
N PRO A 121 -24.55 -11.71 14.39
CA PRO A 121 -23.40 -11.43 15.29
C PRO A 121 -23.70 -11.69 16.76
N GLY A 122 -24.91 -11.39 17.24
CA GLY A 122 -25.23 -11.66 18.63
C GLY A 122 -25.02 -13.12 18.99
N SER A 123 -25.45 -14.03 18.12
CA SER A 123 -25.41 -15.46 18.37
C SER A 123 -24.19 -16.12 17.74
N ARG A 124 -23.30 -15.33 17.17
CA ARG A 124 -22.03 -15.83 16.61
C ARG A 124 -22.26 -16.77 15.43
N ASP A 125 -23.34 -16.56 14.67
CA ASP A 125 -23.70 -17.48 13.59
C ASP A 125 -23.40 -16.87 12.23
N PHE A 126 -22.48 -17.50 11.50
CA PHE A 126 -22.11 -17.11 10.15
C PHE A 126 -22.25 -18.33 9.27
N PRO A 127 -23.49 -18.74 8.98
CA PRO A 127 -23.70 -20.06 8.38
C PRO A 127 -23.16 -20.14 6.98
N ALA A 128 -22.92 -19.02 6.32
CA ALA A 128 -22.37 -19.08 4.97
C ALA A 128 -20.90 -19.46 4.97
N VAL A 129 -20.23 -19.49 6.12
CA VAL A 129 -18.85 -19.96 6.11
C VAL A 129 -18.74 -21.52 6.20
N PRO A 130 -19.33 -22.18 7.22
CA PRO A 130 -20.03 -21.74 8.43
C PRO A 130 -19.10 -21.57 9.63
N TYR A 131 -19.37 -20.55 10.43
CA TYR A 131 -18.79 -20.37 11.76
C TYR A 131 -19.92 -20.38 12.78
N SER A 132 -19.60 -20.75 14.01
CA SER A 132 -20.57 -20.69 15.08
C SER A 132 -19.85 -20.22 16.32
N GLY A 133 -20.58 -20.22 17.46
CA GLY A 133 -20.04 -19.64 18.68
C GLY A 133 -18.67 -20.16 19.07
N TRP A 134 -18.46 -21.47 18.95
CA TRP A 134 -17.19 -22.02 19.40
C TRP A 134 -16.04 -21.79 18.41
N ASP A 135 -16.25 -20.90 17.43
CA ASP A 135 -15.20 -20.50 16.50
C ASP A 135 -14.63 -19.13 16.81
N PHE A 136 -15.05 -18.51 17.91
CA PHE A 136 -14.54 -17.21 18.32
C PHE A 136 -13.91 -17.33 19.70
N ASN A 137 -13.25 -16.24 20.12
CA ASN A 137 -12.45 -16.21 21.34
C ASN A 137 -13.18 -15.58 22.53
N ASP A 138 -14.51 -15.71 22.59
CA ASP A 138 -15.21 -15.18 23.75
C ASP A 138 -14.68 -15.80 25.05
N GLY A 139 -14.39 -17.10 25.05
CA GLY A 139 -13.91 -17.76 26.25
C GLY A 139 -12.43 -17.60 26.52
N LYS A 140 -11.64 -17.25 25.50
CA LYS A 140 -10.21 -17.00 25.66
C LYS A 140 -9.94 -15.62 26.24
N CYS A 141 -10.63 -14.60 25.74
CA CYS A 141 -10.39 -13.22 26.14
C CYS A 141 -10.63 -13.08 27.64
N LYS A 142 -9.80 -12.26 28.27
CA LYS A 142 -9.86 -12.07 29.71
C LYS A 142 -10.24 -10.66 30.09
N THR A 143 -10.54 -9.78 29.13
CA THR A 143 -10.84 -8.41 29.50
C THR A 143 -12.26 -8.31 30.02
N GLY A 144 -12.53 -7.22 30.74
CA GLY A 144 -13.86 -7.00 31.25
C GLY A 144 -14.89 -6.78 30.14
N SER A 145 -14.55 -5.94 29.15
CA SER A 145 -15.48 -5.67 28.06
C SER A 145 -15.52 -6.75 26.99
N GLY A 146 -14.52 -7.63 26.94
CA GLY A 146 -14.36 -8.53 25.83
C GLY A 146 -13.63 -7.93 24.64
N ASP A 147 -13.39 -6.62 24.65
CA ASP A 147 -12.59 -5.94 23.64
C ASP A 147 -11.16 -5.71 24.15
N ILE A 148 -10.29 -5.30 23.24
CA ILE A 148 -8.91 -4.96 23.59
C ILE A 148 -8.91 -3.67 24.39
N GLU A 149 -8.39 -3.72 25.61
CA GLU A 149 -8.34 -2.56 26.49
C GLU A 149 -6.94 -1.95 26.57
N ASN A 150 -5.91 -2.79 26.56
CA ASN A 150 -4.56 -2.38 26.94
C ASN A 150 -3.56 -3.01 25.99
N TYR A 151 -2.90 -2.19 25.17
CA TYR A 151 -1.91 -2.71 24.24
C TYR A 151 -0.56 -3.03 24.89
N ASN A 152 -0.39 -2.73 26.19
CA ASN A 152 0.81 -3.20 26.86
C ASN A 152 0.69 -4.66 27.28
N ASP A 153 -0.43 -5.32 26.98
CA ASP A 153 -0.66 -6.71 27.30
C ASP A 153 -0.78 -7.49 26.00
N ALA A 154 0.28 -8.20 25.63
CA ALA A 154 0.34 -8.82 24.32
C ALA A 154 -0.72 -9.89 24.14
N THR A 155 -1.18 -10.52 25.22
CA THR A 155 -2.11 -11.62 25.07
C THR A 155 -3.52 -11.13 24.73
N GLN A 156 -3.96 -10.05 25.37
CA GLN A 156 -5.31 -9.56 25.09
C GLN A 156 -5.38 -8.90 23.71
N VAL A 157 -4.26 -8.37 23.22
CA VAL A 157 -4.22 -7.82 21.88
C VAL A 157 -4.54 -8.90 20.86
N ARG A 158 -4.21 -10.16 21.17
CA ARG A 158 -4.41 -11.31 20.28
C ARG A 158 -5.76 -12.00 20.46
N ASP A 159 -6.24 -12.16 21.70
CA ASP A 159 -7.41 -12.99 21.97
C ASP A 159 -8.71 -12.21 22.15
N CYS A 160 -8.65 -10.89 22.29
CA CYS A 160 -9.82 -10.05 22.53
C CYS A 160 -10.23 -9.33 21.26
N ARG A 161 -11.30 -8.56 21.35
CA ARG A 161 -11.95 -8.05 20.14
C ARG A 161 -11.36 -6.69 19.80
N LEU A 162 -10.70 -6.62 18.64
CA LEU A 162 -10.24 -5.34 18.14
C LEU A 162 -11.46 -4.47 17.86
N THR A 163 -11.53 -3.33 18.55
CA THR A 163 -12.66 -2.40 18.56
C THR A 163 -13.99 -3.12 18.34
N GLY A 164 -14.20 -4.23 19.05
CA GLY A 164 -15.47 -4.91 19.03
C GLY A 164 -15.63 -5.96 17.94
N LEU A 165 -14.67 -6.09 17.03
CA LEU A 165 -14.80 -7.07 15.96
C LEU A 165 -14.69 -8.49 16.52
N LEU A 166 -15.67 -9.33 16.19
CA LEU A 166 -15.70 -10.72 16.65
C LEU A 166 -14.42 -11.43 16.28
N ASP A 167 -13.73 -11.96 17.28
CA ASP A 167 -12.36 -12.43 17.16
C ASP A 167 -12.33 -13.93 16.87
N LEU A 168 -11.93 -14.29 15.66
CA LEU A 168 -11.85 -15.70 15.29
C LEU A 168 -10.85 -16.46 16.15
N ALA A 169 -11.21 -17.71 16.45
CA ALA A 169 -10.39 -18.58 17.29
C ALA A 169 -9.36 -19.29 16.42
N LEU A 170 -8.36 -18.53 15.99
CA LEU A 170 -7.39 -18.97 14.98
C LEU A 170 -6.51 -20.11 15.47
N GLU A 171 -6.70 -20.53 16.72
CA GLU A 171 -6.02 -21.72 17.22
C GLU A 171 -6.62 -23.00 16.68
N LYS A 172 -7.93 -23.04 16.44
CA LYS A 172 -8.60 -24.25 16.01
C LYS A 172 -8.19 -24.62 14.59
N ASP A 173 -8.00 -25.93 14.35
CA ASP A 173 -7.70 -26.36 12.99
C ASP A 173 -8.86 -26.10 12.05
N TYR A 174 -10.10 -26.08 12.56
CA TYR A 174 -11.23 -25.84 11.67
C TYR A 174 -11.22 -24.40 11.17
N VAL A 175 -10.98 -23.41 12.04
CA VAL A 175 -10.97 -22.03 11.59
C VAL A 175 -9.78 -21.79 10.66
N ARG A 176 -8.61 -22.33 11.02
CA ARG A 176 -7.45 -22.28 10.15
C ARG A 176 -7.75 -22.87 8.77
N SER A 177 -8.52 -23.96 8.73
CA SER A 177 -8.80 -24.62 7.45
C SER A 177 -9.82 -23.82 6.64
N LYS A 178 -10.85 -23.27 7.29
CA LYS A 178 -11.81 -22.47 6.56
C LYS A 178 -11.16 -21.23 5.95
N ILE A 179 -10.25 -20.60 6.69
CA ILE A 179 -9.49 -19.47 6.15
C ILE A 179 -8.59 -19.93 5.02
N ALA A 180 -7.95 -21.09 5.18
CA ALA A 180 -7.03 -21.59 4.17
C ALA A 180 -7.80 -21.95 2.91
N GLU A 181 -9.02 -22.46 3.06
CA GLU A 181 -9.86 -22.75 1.90
C GLU A 181 -10.15 -21.49 1.10
N TYR A 182 -10.48 -20.40 1.80
CA TYR A 182 -10.67 -19.11 1.14
C TYR A 182 -9.40 -18.67 0.41
N MET A 183 -8.26 -18.70 1.10
CA MET A 183 -7.02 -18.23 0.50
C MET A 183 -6.57 -19.10 -0.66
N ASN A 184 -6.80 -20.42 -0.58
CA ASN A 184 -6.41 -21.28 -1.69
C ASN A 184 -7.30 -21.06 -2.90
N HIS A 185 -8.58 -20.78 -2.67
CA HIS A 185 -9.48 -20.33 -3.73
C HIS A 185 -8.88 -19.13 -4.48
N LEU A 186 -8.43 -18.11 -3.74
CA LEU A 186 -7.79 -16.96 -4.37
C LEU A 186 -6.51 -17.36 -5.11
N ILE A 187 -5.64 -18.15 -4.47
CA ILE A 187 -4.35 -18.48 -5.06
C ILE A 187 -4.53 -19.18 -6.41
N ASP A 188 -5.43 -20.17 -6.45
CA ASP A 188 -5.64 -20.92 -7.68
C ASP A 188 -6.22 -20.06 -8.80
N ILE A 189 -7.07 -19.10 -8.46
CA ILE A 189 -7.50 -18.09 -9.43
C ILE A 189 -6.30 -17.31 -9.98
N GLY A 190 -5.28 -17.11 -9.16
CA GLY A 190 -4.04 -16.60 -9.66
C GLY A 190 -3.45 -15.45 -8.88
N VAL A 191 -3.88 -15.25 -7.63
CA VAL A 191 -3.30 -14.15 -6.87
C VAL A 191 -1.86 -14.49 -6.51
N ALA A 192 -1.02 -13.46 -6.43
CA ALA A 192 0.41 -13.59 -6.17
C ALA A 192 0.76 -13.50 -4.69
N GLY A 193 -0.16 -13.05 -3.85
CA GLY A 193 0.14 -12.92 -2.45
C GLY A 193 -0.96 -12.18 -1.73
N PHE A 194 -0.69 -11.86 -0.46
CA PHE A 194 -1.71 -11.32 0.43
C PHE A 194 -1.15 -10.25 1.35
N ARG A 195 -1.94 -9.21 1.57
CA ARG A 195 -1.79 -8.37 2.76
C ARG A 195 -2.55 -9.06 3.88
N LEU A 196 -1.87 -9.38 4.99
CA LEU A 196 -2.59 -9.95 6.14
C LEU A 196 -3.01 -8.78 7.03
N ASP A 197 -4.29 -8.47 6.97
CA ASP A 197 -4.91 -7.44 7.79
C ASP A 197 -4.80 -7.78 9.29
N ALA A 198 -4.63 -6.73 10.10
CA ALA A 198 -4.61 -6.82 11.56
C ALA A 198 -3.74 -7.98 12.06
N SER A 199 -2.53 -8.12 11.49
CA SER A 199 -1.68 -9.23 11.88
C SER A 199 -1.20 -9.12 13.33
N LYS A 200 -1.10 -7.90 13.86
CA LYS A 200 -0.70 -7.77 15.25
C LYS A 200 -1.67 -8.45 16.21
N HIS A 201 -2.91 -8.67 15.78
CA HIS A 201 -3.96 -9.27 16.61
C HIS A 201 -4.10 -10.76 16.40
N MET A 202 -3.13 -11.37 15.71
CA MET A 202 -3.06 -12.81 15.55
C MET A 202 -1.71 -13.26 16.08
N TRP A 203 -1.67 -14.44 16.70
CA TRP A 203 -0.40 -15.03 17.14
C TRP A 203 0.42 -15.38 15.90
N PRO A 204 1.70 -15.02 15.86
CA PRO A 204 2.56 -15.44 14.74
C PRO A 204 2.47 -16.94 14.45
N GLY A 205 2.26 -17.77 15.48
CA GLY A 205 2.13 -19.20 15.24
C GLY A 205 0.81 -19.58 14.59
N ASP A 206 -0.27 -18.85 14.89
CA ASP A 206 -1.53 -19.14 14.21
C ASP A 206 -1.47 -18.77 12.75
N ILE A 207 -0.93 -17.59 12.44
CA ILE A 207 -0.67 -17.21 11.06
C ILE A 207 0.08 -18.33 10.36
N LYS A 208 1.16 -18.80 10.98
CA LYS A 208 1.98 -19.85 10.38
C LYS A 208 1.14 -21.08 10.06
N ALA A 209 0.33 -21.52 11.02
CA ALA A 209 -0.51 -22.69 10.79
C ALA A 209 -1.41 -22.50 9.58
N ILE A 210 -1.92 -21.28 9.36
CA ILE A 210 -2.76 -21.02 8.19
C ILE A 210 -1.93 -21.12 6.91
N LEU A 211 -0.81 -20.39 6.84
CA LEU A 211 0.02 -20.39 5.65
C LEU A 211 0.55 -21.78 5.32
N ASP A 212 0.77 -22.64 6.32
CA ASP A 212 1.24 -24.00 6.04
C ASP A 212 0.27 -24.76 5.13
N LYS A 213 -1.02 -24.41 5.17
CA LYS A 213 -2.06 -25.08 4.39
C LYS A 213 -2.22 -24.52 2.98
N LEU A 214 -1.39 -23.57 2.55
CA LEU A 214 -1.69 -22.87 1.30
C LEU A 214 -1.01 -23.54 0.12
N HIS A 215 -1.65 -23.45 -1.04
CA HIS A 215 -1.05 -23.95 -2.26
C HIS A 215 0.15 -23.10 -2.66
N ASN A 216 0.95 -23.64 -3.57
CA ASN A 216 1.88 -22.86 -4.37
C ASN A 216 1.11 -22.09 -5.45
N LEU A 217 1.73 -21.02 -5.92
CA LEU A 217 1.05 -20.13 -6.86
C LEU A 217 0.66 -20.89 -8.13
N ASN A 218 -0.33 -20.35 -8.83
CA ASN A 218 -0.86 -20.98 -10.03
C ASN A 218 0.24 -21.14 -11.06
N SER A 219 0.54 -22.40 -11.42
CA SER A 219 1.69 -22.71 -12.25
C SER A 219 1.52 -22.32 -13.72
N ASN A 220 0.38 -21.73 -14.12
CA ASN A 220 0.29 -21.17 -15.45
C ASN A 220 1.08 -19.89 -15.58
N TRP A 221 1.22 -19.16 -14.48
CA TRP A 221 1.84 -17.85 -14.51
C TRP A 221 3.13 -17.76 -13.72
N PHE A 222 3.29 -18.60 -12.71
CA PHE A 222 4.44 -18.55 -11.86
C PHE A 222 5.23 -19.84 -11.97
N PRO A 223 6.54 -19.77 -11.78
CA PRO A 223 7.36 -20.99 -11.76
C PRO A 223 6.92 -21.95 -10.65
N ALA A 224 7.14 -23.24 -10.90
CA ALA A 224 6.68 -24.26 -9.96
C ALA A 224 7.34 -24.04 -8.59
N GLY A 225 6.58 -24.25 -7.53
CA GLY A 225 7.11 -24.05 -6.20
C GLY A 225 7.12 -22.61 -5.71
N SER A 226 6.49 -21.68 -6.42
CA SER A 226 6.39 -20.29 -5.93
C SER A 226 5.45 -20.21 -4.75
N LYS A 227 5.86 -19.50 -3.72
CA LYS A 227 4.92 -19.33 -2.62
C LYS A 227 4.30 -17.94 -2.65
N PRO A 228 3.09 -17.78 -2.11
CA PRO A 228 2.46 -16.46 -2.11
C PRO A 228 3.26 -15.44 -1.33
N PHE A 229 3.36 -14.23 -1.90
CA PHE A 229 3.95 -13.09 -1.20
C PHE A 229 3.10 -12.74 0.02
N ILE A 230 3.77 -12.53 1.16
CA ILE A 230 3.08 -12.25 2.43
C ILE A 230 3.63 -10.95 2.98
N TYR A 231 2.78 -9.94 3.13
CA TYR A 231 3.09 -8.80 3.97
C TYR A 231 2.00 -8.63 5.03
N GLN A 232 2.43 -8.58 6.29
CA GLN A 232 1.55 -8.55 7.45
C GLN A 232 1.38 -7.11 7.93
N GLU A 233 0.14 -6.69 8.16
CA GLU A 233 -0.08 -5.35 8.71
C GLU A 233 0.21 -5.37 10.21
N VAL A 234 1.41 -4.93 10.59
CA VAL A 234 1.77 -4.78 11.99
C VAL A 234 2.14 -3.32 12.20
N ILE A 235 1.35 -2.61 13.00
CA ILE A 235 1.63 -1.22 13.35
C ILE A 235 2.56 -1.22 14.55
N ASP A 236 3.86 -1.01 14.31
CA ASP A 236 4.88 -1.06 15.36
C ASP A 236 5.71 0.22 15.32
N LEU A 237 5.29 1.22 16.10
CA LEU A 237 6.03 2.45 16.23
C LEU A 237 6.97 2.43 17.42
N GLY A 238 7.08 1.28 18.11
CA GLY A 238 7.91 1.15 19.28
C GLY A 238 7.14 1.39 20.57
N GLY A 239 7.72 0.94 21.67
CA GLY A 239 7.10 1.14 22.97
C GLY A 239 5.95 0.21 23.28
N GLU A 240 5.66 -0.74 22.41
CA GLU A 240 4.68 -1.77 22.69
C GLU A 240 5.38 -3.10 22.89
N PRO A 241 4.73 -4.04 23.60
CA PRO A 241 5.36 -5.35 23.79
C PRO A 241 5.43 -6.20 22.53
N ILE A 242 4.61 -5.92 21.52
CA ILE A 242 4.60 -6.70 20.28
C ILE A 242 5.50 -6.01 19.27
N LYS A 243 6.40 -6.76 18.67
CA LYS A 243 7.40 -6.25 17.76
C LYS A 243 7.14 -6.84 16.38
N SER A 244 7.29 -6.01 15.34
CA SER A 244 7.03 -6.53 14.00
C SER A 244 8.00 -7.64 13.65
N SER A 245 9.19 -7.67 14.27
CA SER A 245 10.13 -8.74 14.02
C SER A 245 9.57 -10.10 14.43
N ASP A 246 8.60 -10.14 15.35
CA ASP A 246 8.02 -11.43 15.69
C ASP A 246 7.25 -12.05 14.54
N TYR A 247 7.05 -11.33 13.44
CA TYR A 247 6.30 -11.84 12.30
C TYR A 247 7.19 -12.14 11.10
N PHE A 248 8.51 -11.95 11.23
CA PHE A 248 9.44 -12.18 10.12
C PHE A 248 9.40 -13.61 9.61
N GLY A 249 8.99 -14.58 10.44
CA GLY A 249 8.92 -15.95 9.97
C GLY A 249 7.80 -16.20 8.99
N ASN A 250 6.78 -15.35 8.96
CA ASN A 250 5.68 -15.58 8.04
C ASN A 250 5.80 -14.79 6.75
N GLY A 251 6.66 -13.78 6.70
CA GLY A 251 6.76 -12.92 5.54
C GLY A 251 7.20 -11.52 5.93
N ARG A 252 7.00 -10.58 5.01
CA ARG A 252 7.34 -9.19 5.27
C ARG A 252 6.30 -8.56 6.18
N VAL A 253 6.66 -7.39 6.75
CA VAL A 253 5.75 -6.62 7.58
C VAL A 253 5.66 -5.19 7.03
N THR A 254 4.50 -4.57 7.22
CA THR A 254 4.35 -3.15 6.96
C THR A 254 5.24 -2.38 7.94
N GLU A 255 6.00 -1.42 7.41
CA GLU A 255 6.89 -0.60 8.21
C GLU A 255 6.28 0.81 8.30
N PHE A 256 5.40 1.00 9.29
CA PHE A 256 4.70 2.27 9.45
C PHE A 256 5.61 3.40 9.96
N LYS A 257 6.80 3.10 10.50
CA LYS A 257 7.74 4.19 10.82
C LYS A 257 8.15 4.94 9.57
N TYR A 258 8.18 4.25 8.43
CA TYR A 258 8.65 4.85 7.19
C TYR A 258 7.89 6.14 6.88
N GLY A 259 6.56 6.04 6.78
CA GLY A 259 5.79 7.19 6.38
C GLY A 259 5.70 8.25 7.46
N ALA A 260 5.70 7.84 8.72
CA ALA A 260 5.66 8.81 9.79
C ALA A 260 6.95 9.64 9.84
N LYS A 261 8.11 8.97 9.77
CA LYS A 261 9.37 9.71 9.79
C LYS A 261 9.53 10.55 8.53
N LEU A 262 9.22 9.96 7.36
CA LEU A 262 9.48 10.69 6.12
C LEU A 262 8.60 11.92 6.06
N GLY A 263 7.35 11.80 6.52
CA GLY A 263 6.45 12.93 6.49
C GLY A 263 6.89 14.03 7.43
N THR A 264 7.43 13.66 8.59
CA THR A 264 7.98 14.66 9.51
C THR A 264 9.17 15.36 8.89
N VAL A 265 10.04 14.62 8.20
CA VAL A 265 11.19 15.23 7.53
C VAL A 265 10.73 16.18 6.43
N ILE A 266 9.79 15.74 5.60
CA ILE A 266 9.44 16.53 4.44
C ILE A 266 8.60 17.75 4.84
N ARG A 267 7.83 17.64 5.91
CA ARG A 267 7.16 18.82 6.44
C ARG A 267 8.09 19.72 7.24
N LYS A 268 9.35 19.31 7.45
CA LYS A 268 10.32 20.03 8.30
C LYS A 268 9.73 20.35 9.66
N TRP A 269 9.02 19.38 10.24
CA TRP A 269 8.61 19.43 11.63
C TRP A 269 9.73 18.91 12.54
N ASN A 270 9.67 19.35 13.80
CA ASN A 270 10.44 18.74 14.90
C ASN A 270 11.94 18.85 14.70
N GLY A 271 12.40 19.85 13.94
CA GLY A 271 13.81 19.99 13.62
C GLY A 271 14.33 19.08 12.53
N GLU A 272 13.48 18.31 11.86
CA GLU A 272 14.00 17.32 10.93
C GLU A 272 14.38 17.99 9.61
N LYS A 273 15.32 17.37 8.90
CA LYS A 273 15.92 17.97 7.72
C LYS A 273 16.26 16.85 6.75
N MET A 274 16.11 17.14 5.46
CA MET A 274 16.36 16.10 4.46
C MET A 274 17.81 15.64 4.50
N SER A 275 18.74 16.49 4.97
CA SER A 275 20.13 16.05 5.08
C SER A 275 20.26 14.84 5.98
N TYR A 276 19.30 14.65 6.90
CA TYR A 276 19.33 13.49 7.78
C TYR A 276 18.98 12.19 7.06
N LEU A 277 18.35 12.27 5.89
CA LEU A 277 18.01 11.06 5.14
C LEU A 277 19.21 10.38 4.54
N LYS A 278 20.45 10.79 4.83
CA LYS A 278 21.60 10.14 4.23
C LYS A 278 21.72 8.69 4.68
N ASN A 279 21.31 8.37 5.90
CA ASN A 279 21.36 6.99 6.38
C ASN A 279 19.97 6.39 6.48
N TRP A 280 19.05 6.86 5.63
CA TRP A 280 17.69 6.36 5.61
C TRP A 280 17.65 4.85 5.44
N GLY A 281 16.75 4.20 6.18
CA GLY A 281 16.69 2.76 6.21
C GLY A 281 16.80 2.19 7.61
N GLU A 282 17.54 1.09 7.74
CA GLU A 282 17.77 0.50 9.06
C GLU A 282 18.47 1.49 9.98
N GLY A 283 19.28 2.39 9.44
CA GLY A 283 19.88 3.44 10.24
C GLY A 283 18.89 4.29 10.99
N TRP A 284 17.61 4.24 10.61
CA TRP A 284 16.57 4.99 11.30
C TRP A 284 15.75 4.10 12.22
N GLY A 285 16.19 2.88 12.48
CA GLY A 285 15.47 1.98 13.35
C GLY A 285 14.41 1.14 12.67
N PHE A 286 14.41 1.11 11.34
CA PHE A 286 13.40 0.35 10.61
C PHE A 286 13.78 -1.13 10.56
N VAL A 287 12.83 -1.97 10.19
CA VAL A 287 13.04 -3.40 10.04
C VAL A 287 14.04 -3.63 8.91
N PRO A 288 14.65 -4.81 8.77
CA PRO A 288 15.56 -5.05 7.64
C PRO A 288 14.85 -4.82 6.31
N SER A 289 15.61 -4.30 5.34
CA SER A 289 15.01 -3.86 4.09
C SER A 289 14.31 -5.01 3.36
N ASP A 290 14.79 -6.24 3.54
CA ASP A 290 14.23 -7.41 2.86
C ASP A 290 12.96 -7.91 3.53
N ARG A 291 12.58 -7.32 4.67
CA ARG A 291 11.31 -7.63 5.32
C ARG A 291 10.36 -6.44 5.33
N ALA A 292 10.71 -5.35 4.66
CA ALA A 292 9.90 -4.12 4.71
C ALA A 292 8.98 -4.00 3.51
N LEU A 293 7.71 -3.76 3.77
CA LEU A 293 6.76 -3.17 2.81
C LEU A 293 6.62 -1.70 3.20
N VAL A 294 7.06 -0.79 2.32
CA VAL A 294 7.08 0.64 2.62
C VAL A 294 6.06 1.39 1.78
N PHE A 295 5.72 2.59 2.25
CA PHE A 295 4.65 3.40 1.71
C PHE A 295 4.67 4.73 2.45
N VAL A 296 4.23 5.79 1.78
CA VAL A 296 4.18 7.11 2.41
C VAL A 296 2.92 7.22 3.27
N ASP A 297 1.77 6.87 2.72
CA ASP A 297 0.50 6.79 3.42
C ASP A 297 -0.17 5.47 3.06
N ASN A 298 -1.15 5.06 3.86
CA ASN A 298 -1.98 3.92 3.47
C ASN A 298 -3.45 4.32 3.59
N HIS A 299 -4.33 3.34 3.36
CA HIS A 299 -5.76 3.67 3.30
C HIS A 299 -6.30 4.12 4.65
N ASN A 300 -5.72 3.64 5.76
CA ASN A 300 -6.13 4.13 7.08
C ASN A 300 -5.56 5.51 7.37
N ASN A 301 -4.24 5.66 7.35
CA ASN A 301 -3.68 6.87 7.96
C ASN A 301 -3.78 8.08 7.06
N GLN A 302 -4.14 7.91 5.78
CA GLN A 302 -4.44 9.09 4.97
C GLN A 302 -5.69 9.80 5.45
N ARG A 303 -6.50 9.17 6.33
CA ARG A 303 -7.75 9.72 6.86
C ARG A 303 -7.78 9.65 8.39
N GLY A 304 -6.62 9.65 9.03
CA GLY A 304 -6.55 9.70 10.49
C GLY A 304 -6.81 8.39 11.21
N HIS A 305 -7.08 7.30 10.48
CA HIS A 305 -7.29 6.01 11.12
C HIS A 305 -5.96 5.33 11.37
N GLY A 306 -6.02 4.15 12.01
CA GLY A 306 -4.82 3.37 12.27
C GLY A 306 -3.81 4.10 13.14
N ALA A 307 -2.75 4.63 12.52
CA ALA A 307 -1.69 5.36 13.22
C ALA A 307 -0.76 5.98 12.17
N GLY A 308 0.07 6.91 12.63
CA GLY A 308 0.93 7.69 11.75
C GLY A 308 0.83 9.17 12.09
N GLY A 309 -0.38 9.59 12.51
CA GLY A 309 -0.51 10.89 13.13
C GLY A 309 -0.47 12.03 12.14
N ALA A 310 -0.20 13.22 12.67
CA ALA A 310 -0.35 14.43 11.88
C ALA A 310 0.68 14.54 10.78
N SER A 311 1.76 13.77 10.84
CA SER A 311 2.82 13.99 9.88
C SER A 311 2.55 13.31 8.53
N ILE A 312 1.66 12.32 8.50
CA ILE A 312 1.43 11.58 7.26
C ILE A 312 1.12 12.54 6.13
N LEU A 313 1.81 12.38 5.01
CA LEU A 313 1.54 13.15 3.80
C LEU A 313 0.60 12.35 2.90
N THR A 314 -0.32 13.06 2.24
CA THR A 314 -1.32 12.44 1.37
C THR A 314 -1.51 13.28 0.12
N PHE A 315 -2.39 12.81 -0.79
CA PHE A 315 -2.66 13.55 -2.01
C PHE A 315 -3.18 14.96 -1.71
N TRP A 316 -3.80 15.15 -0.53
CA TRP A 316 -4.24 16.48 -0.10
C TRP A 316 -3.07 17.48 -0.01
N ASP A 317 -1.87 17.03 0.34
CA ASP A 317 -0.66 17.87 0.35
C ASP A 317 0.21 17.53 -0.85
N ALA A 318 -0.38 17.71 -2.03
CA ALA A 318 0.15 17.09 -3.24
C ALA A 318 1.62 17.44 -3.48
N ARG A 319 1.99 18.70 -3.28
CA ARG A 319 3.34 19.10 -3.67
C ARG A 319 4.39 18.42 -2.81
N LEU A 320 4.19 18.41 -1.50
CA LEU A 320 5.06 17.66 -0.63
C LEU A 320 4.89 16.16 -0.84
N TYR A 321 3.66 15.73 -1.14
CA TYR A 321 3.42 14.30 -1.31
C TYR A 321 4.24 13.73 -2.46
N LYS A 322 4.28 14.44 -3.60
CA LYS A 322 5.07 13.95 -4.73
C LYS A 322 6.54 13.85 -4.38
N MET A 323 7.03 14.75 -3.53
CA MET A 323 8.42 14.70 -3.12
C MET A 323 8.70 13.48 -2.24
N ALA A 324 7.80 13.20 -1.29
CA ALA A 324 7.96 12.05 -0.42
C ALA A 324 7.93 10.75 -1.20
N VAL A 325 6.91 10.59 -2.06
CA VAL A 325 6.80 9.39 -2.89
C VAL A 325 8.02 9.26 -3.79
N GLY A 326 8.47 10.38 -4.37
CA GLY A 326 9.66 10.35 -5.19
C GLY A 326 10.90 9.89 -4.45
N PHE A 327 11.11 10.43 -3.25
CA PHE A 327 12.25 9.97 -2.46
C PHE A 327 12.16 8.48 -2.19
N MET A 328 11.00 8.03 -1.71
CA MET A 328 10.78 6.60 -1.44
C MET A 328 11.09 5.76 -2.67
N LEU A 329 10.54 6.15 -3.83
CA LEU A 329 10.70 5.33 -5.03
C LEU A 329 12.13 5.34 -5.54
N ALA A 330 12.92 6.37 -5.22
CA ALA A 330 14.32 6.39 -5.64
C ALA A 330 15.23 5.63 -4.69
N HIS A 331 14.85 5.54 -3.44
CA HIS A 331 15.72 4.97 -2.42
C HIS A 331 15.58 3.45 -2.36
N PRO A 332 16.70 2.71 -2.27
CA PRO A 332 16.61 1.24 -2.34
C PRO A 332 15.95 0.56 -1.14
N TYR A 333 15.75 1.23 -0.01
CA TYR A 333 15.18 0.52 1.12
C TYR A 333 13.75 0.07 0.82
N GLY A 334 13.50 -1.23 1.02
CA GLY A 334 12.15 -1.77 1.08
C GLY A 334 11.52 -2.08 -0.27
N PHE A 335 10.36 -2.73 -0.21
CA PHE A 335 9.49 -2.94 -1.36
C PHE A 335 8.36 -1.92 -1.31
N THR A 336 8.16 -1.19 -2.41
CA THR A 336 7.34 0.02 -2.40
C THR A 336 5.89 -0.24 -2.80
N ARG A 337 4.97 0.28 -1.99
CA ARG A 337 3.55 0.34 -2.33
C ARG A 337 3.16 1.79 -2.53
N VAL A 338 2.51 2.08 -3.65
CA VAL A 338 2.00 3.39 -3.96
C VAL A 338 0.51 3.40 -3.66
N MET A 339 0.04 4.43 -2.97
CA MET A 339 -1.38 4.59 -2.65
C MET A 339 -2.15 5.16 -3.84
N SER A 340 -3.37 4.67 -4.07
CA SER A 340 -4.24 5.28 -5.06
C SER A 340 -5.64 5.44 -4.45
N SER A 341 -6.09 6.69 -4.31
CA SER A 341 -7.17 7.08 -3.42
C SER A 341 -8.36 7.62 -4.21
N TYR A 342 -9.40 7.96 -3.44
CA TYR A 342 -10.47 8.79 -3.92
C TYR A 342 -10.65 10.00 -2.99
N ARG A 343 -11.16 11.10 -3.53
CA ARG A 343 -11.48 12.27 -2.70
C ARG A 343 -12.81 12.07 -2.00
N TRP A 344 -12.89 12.56 -0.77
CA TRP A 344 -14.09 12.56 0.03
C TRP A 344 -14.24 13.95 0.63
N PRO A 345 -15.47 14.35 1.00
CA PRO A 345 -15.66 15.71 1.53
C PRO A 345 -15.04 15.85 2.90
N ARG A 346 -13.71 15.85 2.94
CA ARG A 346 -12.95 16.01 4.17
C ARG A 346 -13.35 17.30 4.87
N GLN A 347 -13.79 17.19 6.13
CA GLN A 347 -14.37 18.32 6.86
C GLN A 347 -13.92 18.24 8.32
N PHE A 348 -12.91 19.04 8.67
CA PHE A 348 -12.31 18.97 10.01
C PHE A 348 -13.11 19.77 11.01
N GLN A 349 -13.49 19.11 12.11
CA GLN A 349 -14.09 19.76 13.28
C GLN A 349 -13.16 19.48 14.44
N ASN A 350 -12.49 20.52 14.94
CA ASN A 350 -11.57 20.40 16.06
C ASN A 350 -10.35 19.53 15.72
N GLY A 351 -9.95 19.47 14.46
CA GLY A 351 -8.85 18.60 14.08
C GLY A 351 -9.23 17.16 13.79
N ASN A 352 -10.51 16.79 13.91
CA ASN A 352 -11.00 15.47 13.52
C ASN A 352 -11.86 15.59 12.26
N ASP A 353 -11.61 14.73 11.29
CA ASP A 353 -12.42 14.69 10.08
C ASP A 353 -13.67 13.87 10.35
N VAL A 354 -14.81 14.56 10.40
CA VAL A 354 -16.07 13.88 10.66
C VAL A 354 -16.58 13.12 9.46
N ASN A 355 -15.93 13.24 8.31
CA ASN A 355 -16.26 12.40 7.16
C ASN A 355 -15.11 11.46 6.78
N ASP A 356 -14.28 11.07 7.76
CA ASP A 356 -13.26 10.09 7.51
C ASP A 356 -13.85 8.71 7.23
N TRP A 357 -15.17 8.55 7.34
CA TRP A 357 -15.83 7.29 7.07
C TRP A 357 -16.25 7.14 5.61
N VAL A 358 -16.35 8.25 4.85
CA VAL A 358 -17.01 8.21 3.55
C VAL A 358 -16.36 7.19 2.63
N GLY A 359 -17.20 6.34 2.03
CA GLY A 359 -16.77 5.29 1.14
C GLY A 359 -16.40 5.81 -0.25
N PRO A 360 -16.21 4.88 -1.19
CA PRO A 360 -15.81 5.28 -2.55
C PRO A 360 -16.88 6.08 -3.24
N PRO A 361 -16.51 6.86 -4.26
CA PRO A 361 -17.53 7.54 -5.07
C PRO A 361 -18.61 6.58 -5.54
N ASN A 362 -19.87 7.02 -5.41
CA ASN A 362 -20.98 6.09 -5.48
C ASN A 362 -22.27 6.86 -5.76
N ASN A 363 -23.21 6.21 -6.43
CA ASN A 363 -24.59 6.65 -6.47
C ASN A 363 -25.42 5.63 -5.69
N ASN A 364 -26.03 6.07 -4.59
CA ASN A 364 -26.83 5.23 -3.74
C ASN A 364 -26.16 3.89 -3.45
N GLY A 365 -24.85 3.90 -3.23
CA GLY A 365 -24.11 2.71 -2.88
C GLY A 365 -23.44 2.01 -4.05
N VAL A 366 -23.86 2.27 -5.28
CA VAL A 366 -23.21 1.63 -6.43
C VAL A 366 -21.97 2.43 -6.79
N ILE A 367 -20.79 1.79 -6.68
CA ILE A 367 -19.51 2.46 -6.85
C ILE A 367 -19.38 3.01 -8.28
N LYS A 368 -18.90 4.24 -8.39
CA LYS A 368 -18.74 4.87 -9.70
C LYS A 368 -17.56 4.28 -10.47
N GLU A 369 -17.77 4.13 -11.78
CA GLU A 369 -16.72 3.88 -12.76
C GLU A 369 -15.50 4.79 -12.56
N VAL A 370 -14.30 4.24 -12.71
CA VAL A 370 -13.12 5.08 -12.86
C VAL A 370 -13.09 5.53 -14.32
N THR A 371 -13.36 6.81 -14.56
CA THR A 371 -13.26 7.36 -15.89
C THR A 371 -11.85 7.90 -16.09
N ILE A 372 -11.42 7.90 -17.34
CA ILE A 372 -10.11 8.41 -17.73
C ILE A 372 -10.33 9.67 -18.55
N ASN A 373 -9.82 10.79 -18.05
CA ASN A 373 -9.88 12.07 -18.74
C ASN A 373 -8.90 12.09 -19.91
N PRO A 374 -9.05 13.08 -20.81
CA PRO A 374 -8.10 13.21 -21.94
C PRO A 374 -6.66 13.42 -21.51
N ASP A 375 -6.41 14.07 -20.39
CA ASP A 375 -5.04 14.27 -19.92
C ASP A 375 -4.51 13.08 -19.11
N THR A 376 -5.17 11.92 -19.19
CA THR A 376 -4.80 10.67 -18.53
C THR A 376 -5.04 10.71 -17.02
N THR A 377 -5.58 11.80 -16.46
CA THR A 377 -6.09 11.75 -15.09
C THR A 377 -7.45 11.05 -15.07
N CYS A 378 -7.99 10.88 -13.86
CA CYS A 378 -9.23 10.17 -13.61
C CYS A 378 -10.35 11.12 -13.24
N GLY A 379 -11.57 10.80 -13.67
CA GLY A 379 -12.75 11.52 -13.26
C GLY A 379 -13.45 10.81 -12.11
N ASN A 380 -14.68 11.27 -11.83
CA ASN A 380 -15.56 10.63 -10.85
C ASN A 380 -14.95 10.58 -9.45
N ASP A 381 -14.02 11.49 -9.16
CA ASP A 381 -13.43 11.72 -7.85
C ASP A 381 -12.43 10.64 -7.47
N TRP A 382 -12.00 9.80 -8.40
CA TRP A 382 -10.84 8.95 -8.17
C TRP A 382 -9.58 9.80 -8.34
N VAL A 383 -8.73 9.82 -7.32
CA VAL A 383 -7.54 10.67 -7.37
C VAL A 383 -6.51 10.11 -8.37
N CYS A 384 -6.32 8.81 -8.39
CA CYS A 384 -5.38 8.15 -9.30
C CYS A 384 -3.97 8.73 -9.20
N GLU A 385 -3.46 8.81 -7.96
CA GLU A 385 -2.08 9.24 -7.75
C GLU A 385 -1.10 8.47 -8.62
N HIS A 386 -1.36 7.19 -8.85
CA HIS A 386 -0.45 6.39 -9.67
C HIS A 386 -0.41 6.86 -11.12
N ARG A 387 -1.32 7.75 -11.52
CA ARG A 387 -1.30 8.34 -12.86
C ARG A 387 -0.69 9.74 -12.87
N TRP A 388 -0.46 10.35 -11.71
CA TRP A 388 0.30 11.58 -11.65
C TRP A 388 1.67 11.34 -12.30
N ARG A 389 2.03 12.20 -13.26
CA ARG A 389 3.28 11.98 -13.99
C ARG A 389 4.45 11.78 -13.05
N GLN A 390 4.52 12.59 -11.98
CA GLN A 390 5.70 12.60 -11.11
C GLN A 390 5.82 11.30 -10.33
N ILE A 391 4.71 10.63 -10.07
CA ILE A 391 4.72 9.37 -9.36
C ILE A 391 4.97 8.20 -10.31
N ARG A 392 4.20 8.17 -11.40
CA ARG A 392 4.35 7.11 -12.40
C ARG A 392 5.75 7.05 -12.97
N ASN A 393 6.37 8.21 -13.21
CA ASN A 393 7.72 8.19 -13.78
C ASN A 393 8.76 7.76 -12.74
N MET A 394 8.47 7.97 -11.45
CA MET A 394 9.32 7.46 -10.39
C MET A 394 9.12 5.95 -10.17
N VAL A 395 7.92 5.43 -10.39
CA VAL A 395 7.75 3.99 -10.40
C VAL A 395 8.65 3.39 -11.47
N ILE A 396 8.75 4.05 -12.64
CA ILE A 396 9.64 3.57 -13.70
C ILE A 396 11.10 3.75 -13.32
N PHE A 397 11.42 4.89 -12.69
CA PHE A 397 12.76 5.11 -12.13
C PHE A 397 13.22 3.90 -11.30
N ARG A 398 12.39 3.49 -10.34
CA ARG A 398 12.75 2.36 -9.47
C ARG A 398 13.02 1.09 -10.28
N ASN A 399 12.19 0.81 -11.30
CA ASN A 399 12.49 -0.32 -12.20
C ASN A 399 13.86 -0.16 -12.82
N VAL A 400 14.16 1.03 -13.36
CA VAL A 400 15.35 1.23 -14.17
C VAL A 400 16.63 1.10 -13.35
N VAL A 401 16.59 1.51 -12.08
CA VAL A 401 17.77 1.48 -11.22
C VAL A 401 17.78 0.23 -10.32
N ASP A 402 16.86 -0.70 -10.53
CA ASP A 402 16.77 -1.89 -9.69
C ASP A 402 18.14 -2.53 -9.51
N GLY A 403 18.50 -2.78 -8.25
CA GLY A 403 19.73 -3.45 -7.91
C GLY A 403 20.97 -2.56 -7.79
N GLN A 404 20.88 -1.30 -8.19
CA GLN A 404 22.05 -0.43 -8.14
C GLN A 404 22.24 0.16 -6.74
N PRO A 405 23.49 0.32 -6.31
CA PRO A 405 23.73 0.84 -4.96
C PRO A 405 23.40 2.31 -4.82
N PHE A 406 22.94 2.65 -3.62
CA PHE A 406 22.91 4.02 -3.15
C PHE A 406 24.31 4.61 -3.14
N THR A 407 24.52 5.72 -3.85
CA THR A 407 25.85 6.28 -4.02
C THR A 407 25.75 7.75 -4.45
N ASN A 408 26.89 8.44 -4.39
CA ASN A 408 26.99 9.85 -4.81
C ASN A 408 26.04 10.75 -4.02
N TRP A 409 25.94 10.52 -2.71
CA TRP A 409 25.09 11.35 -1.90
C TRP A 409 25.64 12.77 -1.78
N TYR A 410 24.74 13.75 -1.77
CA TYR A 410 25.07 15.14 -1.51
C TYR A 410 24.03 15.72 -0.57
N ASP A 411 24.47 16.58 0.34
CA ASP A 411 23.53 17.44 1.07
C ASP A 411 24.21 18.76 1.40
N ASN A 412 23.38 19.77 1.66
CA ASN A 412 23.83 21.11 2.00
C ASN A 412 23.78 21.35 3.51
N GLY A 413 23.73 20.29 4.31
CA GLY A 413 23.51 20.42 5.73
C GLY A 413 22.11 20.85 6.13
N SER A 414 21.19 21.01 5.16
CA SER A 414 19.83 21.44 5.47
C SER A 414 18.79 20.60 4.71
N ASN A 415 18.19 21.15 3.63
CA ASN A 415 17.11 20.43 2.95
C ASN A 415 17.32 20.36 1.45
N GLN A 416 18.57 20.43 1.01
CA GLN A 416 18.94 20.27 -0.40
C GLN A 416 19.84 19.04 -0.48
N VAL A 417 19.35 17.98 -1.15
CA VAL A 417 20.05 16.71 -1.19
C VAL A 417 19.90 16.09 -2.57
N ALA A 418 20.81 15.17 -2.86
CA ALA A 418 20.83 14.43 -4.10
C ALA A 418 21.45 13.09 -3.80
N PHE A 419 21.13 12.10 -4.64
CA PHE A 419 21.87 10.85 -4.61
C PHE A 419 21.57 10.10 -5.90
N GLY A 420 22.47 9.17 -6.21
CA GLY A 420 22.34 8.33 -7.38
C GLY A 420 22.07 6.88 -7.02
N ARG A 421 21.83 6.11 -8.06
CA ARG A 421 21.62 4.68 -7.93
C ARG A 421 22.56 4.04 -8.94
N GLY A 422 23.73 3.62 -8.47
CA GLY A 422 24.75 3.11 -9.36
C GLY A 422 25.03 4.11 -10.44
N ASN A 423 25.06 3.63 -11.69
CA ASN A 423 25.22 4.50 -12.85
C ASN A 423 23.94 4.59 -13.69
N ARG A 424 22.76 4.36 -13.09
CA ARG A 424 21.51 4.28 -13.84
C ARG A 424 20.49 5.37 -13.53
N GLY A 425 20.58 6.04 -12.38
CA GLY A 425 19.63 7.09 -12.10
C GLY A 425 20.21 8.06 -11.11
N PHE A 426 19.62 9.25 -11.05
CA PHE A 426 20.09 10.31 -10.17
C PHE A 426 18.90 11.23 -9.87
N ILE A 427 18.78 11.68 -8.63
CA ILE A 427 17.64 12.48 -8.18
C ILE A 427 18.14 13.61 -7.28
N VAL A 428 17.50 14.79 -7.40
CA VAL A 428 17.92 16.02 -6.72
C VAL A 428 16.70 16.70 -6.11
N PHE A 429 16.78 17.04 -4.82
CA PHE A 429 15.68 17.66 -4.07
C PHE A 429 16.07 19.03 -3.51
N ASN A 430 15.13 19.98 -3.55
CA ASN A 430 15.31 21.27 -2.86
C ASN A 430 14.11 21.53 -1.95
N ASN A 431 14.23 21.21 -0.68
CA ASN A 431 13.17 21.53 0.27
C ASN A 431 13.57 22.66 1.23
N ASP A 432 14.57 23.47 0.87
CA ASP A 432 14.92 24.65 1.65
C ASP A 432 14.19 25.89 1.15
N ASP A 433 14.20 26.92 1.97
CA ASP A 433 13.53 28.19 1.64
C ASP A 433 14.35 29.11 0.75
N TRP A 434 15.25 28.56 -0.07
CA TRP A 434 16.00 29.35 -1.05
C TRP A 434 16.31 28.43 -2.21
N SER A 435 16.89 29.00 -3.25
CA SER A 435 17.01 28.24 -4.49
C SER A 435 18.26 27.37 -4.49
N PHE A 436 18.26 26.37 -5.37
CA PHE A 436 19.37 25.42 -5.45
C PHE A 436 19.94 25.46 -6.86
N SER A 437 21.20 25.84 -6.98
CA SER A 437 21.87 25.88 -8.27
C SER A 437 23.30 25.40 -8.05
N LEU A 438 23.62 24.22 -8.55
CA LEU A 438 24.89 23.57 -8.26
C LEU A 438 25.17 22.54 -9.33
N THR A 439 26.46 22.30 -9.56
CA THR A 439 26.94 21.23 -10.44
C THR A 439 27.25 20.03 -9.56
N LEU A 440 26.56 18.91 -9.79
CA LEU A 440 26.75 17.73 -8.95
C LEU A 440 27.33 16.57 -9.75
N GLN A 441 28.01 15.66 -9.04
CA GLN A 441 28.43 14.38 -9.60
C GLN A 441 27.24 13.44 -9.64
N THR A 442 26.91 12.93 -10.82
CA THR A 442 25.69 12.15 -10.99
C THR A 442 25.94 10.67 -11.19
N GLY A 443 27.17 10.24 -11.44
CA GLY A 443 27.38 8.84 -11.71
C GLY A 443 26.83 8.32 -13.02
N LEU A 444 26.29 9.18 -13.86
CA LEU A 444 25.67 8.73 -15.10
C LEU A 444 26.61 8.91 -16.29
N PRO A 445 26.42 8.12 -17.36
CA PRO A 445 27.11 8.40 -18.62
C PRO A 445 26.74 9.79 -19.16
N ALA A 446 27.71 10.39 -19.86
CA ALA A 446 27.47 11.69 -20.46
C ALA A 446 26.31 11.63 -21.45
N GLY A 447 25.53 12.72 -21.49
CA GLY A 447 24.42 12.80 -22.41
C GLY A 447 23.40 13.85 -21.98
N THR A 448 22.30 13.86 -22.73
CA THR A 448 21.14 14.71 -22.44
C THR A 448 20.02 13.84 -21.90
N TYR A 449 19.49 14.24 -20.75
CA TYR A 449 18.55 13.44 -19.96
C TYR A 449 17.29 14.23 -19.74
N CYS A 450 16.13 13.62 -20.02
CA CYS A 450 14.87 14.24 -19.67
C CYS A 450 14.65 14.11 -18.17
N ASP A 451 14.34 15.23 -17.52
CA ASP A 451 13.79 15.18 -16.17
C ASP A 451 12.40 14.56 -16.20
N VAL A 452 12.22 13.42 -15.52
CA VAL A 452 10.95 12.71 -15.61
C VAL A 452 9.95 13.21 -14.59
N ILE A 453 10.33 14.17 -13.75
CA ILE A 453 9.38 14.82 -12.86
C ILE A 453 8.59 15.89 -13.61
N SER A 454 9.28 16.80 -14.29
CA SER A 454 8.59 17.86 -15.00
C SER A 454 8.06 17.41 -16.37
N GLY A 455 8.58 16.35 -16.94
CA GLY A 455 8.10 15.93 -18.24
C GLY A 455 8.35 14.47 -18.55
N ASP A 456 8.43 14.16 -19.85
CA ASP A 456 8.61 12.81 -20.34
C ASP A 456 9.60 12.81 -21.50
N LYS A 457 10.27 11.67 -21.69
CA LYS A 457 10.94 11.37 -22.94
C LYS A 457 9.93 10.71 -23.88
N ILE A 458 9.78 11.27 -25.08
CA ILE A 458 8.84 10.76 -26.11
C ILE A 458 9.51 10.92 -27.47
N ASN A 459 9.98 9.81 -28.04
CA ASN A 459 10.63 9.80 -29.34
C ASN A 459 11.66 10.91 -29.49
N GLY A 460 12.84 10.73 -28.91
CA GLY A 460 13.95 11.64 -29.14
C GLY A 460 13.76 13.05 -28.60
N ASN A 461 12.71 13.32 -27.83
CA ASN A 461 12.49 14.65 -27.28
C ASN A 461 12.13 14.56 -25.80
N CYS A 462 12.34 15.67 -25.11
CA CYS A 462 11.83 15.85 -23.75
C CYS A 462 10.70 16.87 -23.79
N THR A 463 9.65 16.63 -23.01
CA THR A 463 8.60 17.62 -22.87
C THR A 463 8.81 18.56 -21.69
N GLY A 464 9.77 18.26 -20.80
CA GLY A 464 10.07 19.13 -19.68
C GLY A 464 11.52 19.53 -19.62
N ILE A 465 12.06 19.62 -18.40
CA ILE A 465 13.45 20.04 -18.21
C ILE A 465 14.41 19.02 -18.82
N LYS A 466 15.49 19.51 -19.43
CA LYS A 466 16.59 18.72 -19.93
C LYS A 466 17.78 18.89 -19.00
N ILE A 467 18.53 17.82 -18.78
CA ILE A 467 19.73 17.84 -17.95
C ILE A 467 20.88 17.35 -18.81
N TYR A 468 22.03 18.01 -18.70
CA TYR A 468 23.20 17.75 -19.54
C TYR A 468 24.32 17.22 -18.67
N VAL A 469 24.65 15.94 -18.79
CA VAL A 469 25.74 15.35 -18.03
C VAL A 469 26.99 15.36 -18.89
N SER A 470 28.09 15.88 -18.34
CA SER A 470 29.39 15.91 -19.03
C SER A 470 30.09 14.55 -18.92
N ASP A 471 31.24 14.44 -19.59
CA ASP A 471 32.01 13.19 -19.62
C ASP A 471 32.50 12.76 -18.26
N ASP A 472 32.53 13.65 -17.29
CA ASP A 472 32.95 13.33 -15.93
C ASP A 472 31.78 13.02 -15.03
N GLY A 473 30.60 12.83 -15.59
CA GLY A 473 29.42 12.54 -14.83
C GLY A 473 28.82 13.73 -14.11
N LYS A 474 29.38 14.92 -14.24
CA LYS A 474 28.77 16.07 -13.59
C LYS A 474 27.68 16.68 -14.46
N ALA A 475 26.68 17.26 -13.78
CA ALA A 475 25.59 17.96 -14.45
C ALA A 475 25.14 19.10 -13.55
N HIS A 476 24.65 20.17 -14.16
CA HIS A 476 24.12 21.30 -13.42
C HIS A 476 22.62 21.16 -13.16
N PHE A 477 22.21 21.51 -11.94
CA PHE A 477 20.83 21.40 -11.51
C PHE A 477 20.36 22.73 -10.93
N SER A 478 19.17 23.13 -11.32
CA SER A 478 18.65 24.44 -10.96
C SER A 478 17.20 24.26 -10.52
N ILE A 479 16.95 24.43 -9.23
CA ILE A 479 15.62 24.21 -8.68
C ILE A 479 15.31 25.40 -7.77
N SER A 480 14.32 26.21 -8.17
CA SER A 480 13.85 27.27 -7.31
C SER A 480 13.03 26.68 -6.16
N ASN A 481 13.07 27.36 -5.03
CA ASN A 481 12.27 26.94 -3.88
C ASN A 481 10.79 27.21 -4.07
N SER A 482 10.44 28.00 -5.07
CA SER A 482 9.06 28.19 -5.47
C SER A 482 8.67 27.28 -6.64
N ALA A 483 9.51 26.30 -6.99
CA ALA A 483 9.14 25.39 -8.06
C ALA A 483 7.90 24.60 -7.67
N GLU A 484 7.02 24.40 -8.65
CA GLU A 484 5.85 23.55 -8.47
C GLU A 484 6.24 22.18 -7.94
N ASP A 485 7.18 21.52 -8.62
CA ASP A 485 7.82 20.29 -8.15
C ASP A 485 9.28 20.59 -7.84
N PRO A 486 9.65 20.70 -6.58
CA PRO A 486 11.03 21.12 -6.29
C PRO A 486 11.99 19.95 -6.28
N PHE A 487 11.85 19.02 -7.21
CA PHE A 487 12.85 17.97 -7.37
C PHE A 487 12.91 17.52 -8.82
N ILE A 488 14.05 16.95 -9.19
CA ILE A 488 14.37 16.51 -10.53
C ILE A 488 14.91 15.09 -10.47
N ALA A 489 14.55 14.26 -11.45
CA ALA A 489 15.07 12.90 -11.48
C ALA A 489 15.37 12.51 -12.94
N ILE A 490 16.50 11.86 -13.15
CA ILE A 490 16.87 11.37 -14.48
C ILE A 490 17.39 9.95 -14.34
N HIS A 491 17.28 9.17 -15.40
CA HIS A 491 17.73 7.79 -15.35
C HIS A 491 18.13 7.32 -16.74
N ALA A 492 18.67 6.10 -16.78
CA ALA A 492 19.23 5.55 -18.01
C ALA A 492 18.23 5.53 -19.17
N GLU A 493 16.93 5.41 -18.87
CA GLU A 493 15.94 5.31 -19.95
C GLU A 493 15.22 6.63 -20.22
N SER A 494 15.62 7.72 -19.57
CA SER A 494 15.24 9.06 -19.98
C SER A 494 16.36 9.78 -20.73
N LYS A 495 17.42 9.06 -21.09
CA LYS A 495 18.53 9.63 -21.86
C LYS A 495 18.15 9.66 -23.35
N LEU A 496 18.39 10.81 -23.98
CA LEU A 496 18.16 10.92 -25.42
C LEU A 496 19.26 10.23 -26.20
#